data_3IK0
#
_entry.id   3IK0
#
_cell.length_a   78.197
_cell.length_b   78.197
_cell.length_c   226.663
_cell.angle_alpha   90.00
_cell.angle_beta   90.00
_cell.angle_gamma   120.00
#
_symmetry.space_group_name_H-M   'P 61 2 2'
#
loop_
_entity.id
_entity.type
_entity.pdbx_description
1 polymer 'Thymidylate synthase'
2 non-polymer 4-(4-methyl-1,3-dioxo-1,3-dihydro-2H-isoindol-2-yl)benzenecarboximidamide
3 non-polymer "2'-DEOXYURIDINE 5'-MONOPHOSPHATE"
4 water water
#
_entity_poly.entity_id   1
_entity_poly.type   'polypeptide(L)'
_entity_poly.pdbx_seq_one_letter_code
;MLEQPYLDLAKKVLDEGHFKPDRTHTGTYSIFGHQMRFDLSKGFPLLTTKKVPFGLIKSELLWFLHGDTNIRFLLQHRNH
IWDEWAFEKWVKSDEYHGPDMTDFGHRSQKDPEFAAVYHEEMAKFDDRVLHDDAFAAKYGDLGLVYGSQWRAWHTSKGDT
IDQLGDVIEQIKTHPYSRRLIVSAWNPEDVPTMALPPCHTLYQFYVNDGKLSLQLYQRSADIFLGVPFNIASYALLTHLV
AHECGLEVGEFIHTFGDAHLYVNHLDQIKEQLSRTPRPAPTLQLNPDKHDIFDFDMKDIKLLNYDPYPAIKAPVAV
;
_entity_poly.pdbx_strand_id   A
#
loop_
_chem_comp.id
_chem_comp.type
_chem_comp.name
_chem_comp.formula
7C1 non-polymer 4-(4-methyl-1,3-dioxo-1,3-dihydro-2H-isoindol-2-yl)benzenecarboximidamide 'C16 H13 N3 O2'
UMP non-polymer '2'-DEOXYURIDINE 5'-MONOPHOSPHATE' 'C9 H13 N2 O8 P'
#
# COMPACT_ATOMS: atom_id res chain seq x y z
N MET A 1 3.77 23.27 -2.57
CA MET A 1 3.17 22.47 -3.66
C MET A 1 2.43 21.28 -3.04
N LEU A 2 1.76 20.52 -3.89
CA LEU A 2 0.93 19.36 -3.49
C LEU A 2 1.62 18.39 -2.54
N GLU A 3 2.87 18.04 -2.84
CA GLU A 3 3.59 17.07 -2.04
C GLU A 3 4.28 17.60 -0.79
N GLN A 4 4.20 18.92 -0.55
CA GLN A 4 4.87 19.56 0.60
C GLN A 4 4.60 18.93 1.96
N PRO A 5 3.35 18.47 2.23
CA PRO A 5 3.13 17.83 3.54
C PRO A 5 3.95 16.58 3.77
N TYR A 6 4.30 15.87 2.70
CA TYR A 6 5.19 14.71 2.85
C TYR A 6 6.59 15.14 3.33
N LEU A 7 7.12 16.13 2.65
CA LEU A 7 8.43 16.74 2.96
C LEU A 7 8.40 17.35 4.33
N ASP A 8 7.32 18.05 4.68
CA ASP A 8 7.25 18.57 6.05
C ASP A 8 7.17 17.45 7.08
N LEU A 9 6.47 16.35 6.79
CA LEU A 9 6.44 15.22 7.73
C LEU A 9 7.86 14.71 7.95
N ALA A 10 8.58 14.50 6.84
CA ALA A 10 9.94 13.93 6.88
C ALA A 10 10.87 14.80 7.71
N LYS A 11 10.78 16.10 7.49
CA LYS A 11 11.64 17.05 8.21
C LYS A 11 11.22 17.14 9.68
N LYS A 12 9.94 17.04 9.96
CA LYS A 12 9.55 17.08 11.37
C LYS A 12 10.12 15.87 12.13
N VAL A 13 10.06 14.70 11.52
CA VAL A 13 10.57 13.51 12.19
C VAL A 13 12.09 13.58 12.32
N LEU A 14 12.72 14.24 11.36
CA LEU A 14 14.18 14.43 11.36
C LEU A 14 14.66 15.37 12.46
N ASP A 15 13.91 16.45 12.71
CA ASP A 15 14.32 17.47 13.66
C ASP A 15 13.70 17.29 15.05
N GLU A 16 12.53 16.65 15.14
CA GLU A 16 11.80 16.54 16.43
C GLU A 16 11.42 15.10 16.78
N GLY A 17 11.85 14.13 15.99
CA GLY A 17 11.50 12.75 16.23
C GLY A 17 12.01 12.23 17.56
N HIS A 18 11.21 11.35 18.17
CA HIS A 18 11.58 10.63 19.37
C HIS A 18 12.31 9.34 18.98
N PHE A 19 13.49 9.11 19.58
CA PHE A 19 14.26 7.89 19.31
C PHE A 19 13.72 6.72 20.10
N LYS A 20 13.57 5.58 19.43
CA LYS A 20 13.15 4.35 20.06
C LYS A 20 13.91 3.14 19.50
N PRO A 21 14.50 2.30 20.38
CA PRO A 21 15.16 1.05 19.95
C PRO A 21 14.17 0.15 19.22
N ASP A 22 14.62 -0.53 18.18
CA ASP A 22 13.67 -1.20 17.29
C ASP A 22 13.78 -2.72 17.27
N ARG A 23 12.62 -3.38 17.13
CA ARG A 23 12.48 -4.82 16.94
C ARG A 23 13.61 -5.37 16.05
N THR A 24 13.81 -4.75 14.88
CA THR A 24 14.89 -5.18 13.97
C THR A 24 16.19 -4.36 14.09
N HIS A 25 16.97 -4.64 15.14
CA HIS A 25 18.41 -4.30 15.15
C HIS A 25 18.79 -2.82 14.84
N THR A 26 17.85 -1.90 15.04
CA THR A 26 18.11 -0.51 14.74
C THR A 26 17.57 0.42 15.81
N GLY A 27 17.07 1.56 15.36
CA GLY A 27 16.20 2.38 16.14
C GLY A 27 15.27 3.02 15.13
N THR A 28 14.29 3.77 15.61
CA THR A 28 13.54 4.67 14.76
C THR A 28 13.50 6.03 15.41
N TYR A 29 13.22 7.05 14.61
CA TYR A 29 12.73 8.32 15.11
C TYR A 29 11.30 8.38 14.64
N SER A 30 10.39 8.84 15.51
CA SER A 30 8.97 8.83 15.19
C SER A 30 8.23 10.01 15.81
N ILE A 31 7.08 10.37 15.26
CA ILE A 31 6.13 11.23 15.94
C ILE A 31 4.76 10.51 15.91
N PHE A 32 3.85 10.94 16.77
CA PHE A 32 2.54 10.30 16.91
C PHE A 32 1.48 11.31 16.54
N GLY A 33 0.51 10.91 15.73
CA GLY A 33 -0.70 11.76 15.49
C GLY A 33 -0.62 12.78 14.35
N HIS A 34 0.47 12.75 13.59
CA HIS A 34 0.64 13.69 12.46
C HIS A 34 -0.36 13.43 11.34
N GLN A 35 -0.78 14.50 10.67
CA GLN A 35 -1.71 14.41 9.57
C GLN A 35 -1.18 15.13 8.32
N MET A 36 -1.39 14.56 7.14
CA MET A 36 -1.15 15.33 5.92
C MET A 36 -2.45 15.54 5.12
N ARG A 37 -2.54 16.60 4.37
CA ARG A 37 -3.73 16.76 3.55
C ARG A 37 -3.35 17.02 2.10
N PHE A 38 -4.11 16.43 1.19
CA PHE A 38 -3.83 16.57 -0.24
C PHE A 38 -5.14 16.88 -0.95
N ASP A 39 -5.16 18.03 -1.59
CA ASP A 39 -6.32 18.51 -2.35
C ASP A 39 -6.23 17.85 -3.72
N LEU A 40 -7.03 16.83 -3.94
CA LEU A 40 -6.93 16.03 -5.16
C LEU A 40 -7.32 16.78 -6.47
N SER A 41 -8.01 17.92 -6.34
CA SER A 41 -8.39 18.73 -7.51
C SER A 41 -7.17 19.44 -8.09
N LYS A 42 -6.07 19.47 -7.33
CA LYS A 42 -4.84 20.19 -7.69
C LYS A 42 -3.80 19.32 -8.39
N GLY A 43 -4.11 18.04 -8.55
CA GLY A 43 -3.18 17.13 -9.19
C GLY A 43 -3.14 15.84 -8.42
N PHE A 44 -2.41 14.88 -8.97
CA PHE A 44 -2.25 13.60 -8.34
C PHE A 44 -1.00 13.51 -7.50
N PRO A 45 -1.14 13.18 -6.20
CA PRO A 45 0.02 13.33 -5.28
C PRO A 45 1.00 12.15 -5.31
N LEU A 46 1.43 11.79 -6.51
CA LEU A 46 2.57 10.94 -6.66
C LEU A 46 3.86 11.83 -6.55
N LEU A 47 4.72 11.58 -5.56
CA LEU A 47 5.90 12.44 -5.28
C LEU A 47 6.75 12.74 -6.54
N THR A 48 7.09 14.01 -6.74
CA THR A 48 7.99 14.36 -7.83
C THR A 48 9.41 14.40 -7.31
N THR A 49 9.58 14.44 -5.99
CA THR A 49 10.92 14.57 -5.43
C THR A 49 11.68 13.25 -5.32
N LYS A 50 10.99 12.14 -5.65
CA LYS A 50 11.62 10.83 -5.78
C LYS A 50 10.70 9.95 -6.66
N LYS A 51 11.25 9.27 -7.66
CA LYS A 51 10.40 8.46 -8.56
C LYS A 51 9.76 7.34 -7.75
N VAL A 52 8.45 7.22 -7.89
CA VAL A 52 7.67 6.19 -7.20
C VAL A 52 6.97 5.39 -8.31
N PRO A 53 7.14 4.06 -8.35
CA PRO A 53 6.60 3.23 -9.44
C PRO A 53 5.09 3.05 -9.37
N PHE A 54 4.38 3.80 -10.21
CA PHE A 54 2.94 3.89 -10.19
C PHE A 54 2.27 2.63 -10.70
N GLY A 55 2.97 1.94 -11.61
CA GLY A 55 2.62 0.60 -12.05
C GLY A 55 2.37 -0.40 -10.92
N LEU A 56 3.24 -0.44 -9.94
CA LEU A 56 3.15 -1.36 -8.81
C LEU A 56 1.95 -1.01 -7.87
N ILE A 57 1.72 0.27 -7.71
CA ILE A 57 0.64 0.81 -6.88
C ILE A 57 -0.70 0.45 -7.52
N LYS A 58 -0.80 0.71 -8.82
CA LYS A 58 -1.95 0.40 -9.62
C LYS A 58 -2.31 -1.10 -9.56
N SER A 59 -1.34 -1.99 -9.80
CA SER A 59 -1.68 -3.40 -9.86
C SER A 59 -1.98 -3.96 -8.47
N GLU A 60 -1.28 -3.47 -7.45
CA GLU A 60 -1.58 -3.86 -6.07
C GLU A 60 -3.00 -3.47 -5.66
N LEU A 61 -3.43 -2.28 -6.06
CA LEU A 61 -4.75 -1.76 -5.72
C LEU A 61 -5.85 -2.52 -6.47
N LEU A 62 -5.62 -2.84 -7.75
CA LEU A 62 -6.52 -3.67 -8.53
C LEU A 62 -6.67 -5.05 -7.87
N TRP A 63 -5.57 -5.57 -7.37
CA TRP A 63 -5.52 -6.81 -6.63
C TRP A 63 -6.46 -6.81 -5.41
N PHE A 64 -6.31 -5.79 -4.54
CA PHE A 64 -7.24 -5.53 -3.41
C PHE A 64 -8.68 -5.42 -3.88
N LEU A 65 -8.91 -4.60 -4.92
CA LEU A 65 -10.25 -4.35 -5.47
C LEU A 65 -10.95 -5.61 -6.08
N HIS A 66 -10.17 -6.64 -6.35
CA HIS A 66 -10.70 -7.92 -6.84
C HIS A 66 -11.07 -8.81 -5.67
N GLY A 67 -10.68 -8.39 -4.45
CA GLY A 67 -10.78 -9.24 -3.28
C GLY A 67 -9.75 -10.36 -3.37
N ASP A 68 -8.74 -10.17 -4.22
CA ASP A 68 -7.73 -11.20 -4.42
C ASP A 68 -6.65 -11.14 -3.34
N THR A 69 -6.18 -12.32 -2.93
CA THR A 69 -5.15 -12.44 -1.94
C THR A 69 -4.05 -13.37 -2.42
N ASN A 70 -4.17 -13.81 -3.67
CA ASN A 70 -3.18 -14.66 -4.25
C ASN A 70 -2.11 -13.87 -5.03
N ILE A 71 -0.86 -14.10 -4.72
CA ILE A 71 0.25 -13.38 -5.40
C ILE A 71 0.39 -13.63 -6.90
N ARG A 72 -0.24 -14.70 -7.40
CA ARG A 72 -0.15 -14.97 -8.82
C ARG A 72 -0.57 -13.78 -9.67
N PHE A 73 -1.66 -13.10 -9.27
CA PHE A 73 -2.17 -11.94 -10.00
C PHE A 73 -1.08 -10.83 -10.06
N LEU A 74 -0.37 -10.63 -8.95
CA LEU A 74 0.68 -9.61 -8.88
C LEU A 74 1.85 -10.01 -9.77
N LEU A 75 2.27 -11.26 -9.66
CA LEU A 75 3.33 -11.77 -10.53
C LEU A 75 2.98 -11.55 -12.01
N GLN A 76 1.73 -11.81 -12.38
CA GLN A 76 1.27 -11.62 -13.77
C GLN A 76 1.30 -10.18 -14.18
N HIS A 77 1.43 -9.29 -13.20
CA HIS A 77 1.63 -7.87 -13.52
C HIS A 77 3.04 -7.36 -13.22
N ARG A 78 3.94 -8.31 -12.99
CA ARG A 78 5.39 -8.07 -12.72
C ARG A 78 5.58 -7.26 -11.45
N ASN A 79 4.69 -7.53 -10.49
CA ASN A 79 4.71 -6.87 -9.19
C ASN A 79 5.13 -7.89 -8.11
N HIS A 80 6.29 -7.61 -7.51
CA HIS A 80 6.91 -8.50 -6.53
C HIS A 80 6.79 -8.02 -5.10
N ILE A 81 6.11 -6.90 -4.86
CA ILE A 81 6.06 -6.25 -3.53
C ILE A 81 5.39 -7.03 -2.40
N TRP A 82 4.59 -8.06 -2.72
CA TRP A 82 4.06 -8.94 -1.66
C TRP A 82 4.75 -10.33 -1.60
N ASP A 83 5.72 -10.59 -2.49
CA ASP A 83 6.39 -11.91 -2.60
C ASP A 83 6.92 -12.48 -1.29
N GLU A 84 7.45 -11.58 -0.46
CA GLU A 84 8.28 -11.99 0.65
C GLU A 84 7.50 -12.76 1.72
N TRP A 85 6.34 -12.26 2.11
CA TRP A 85 5.47 -12.98 3.08
C TRP A 85 4.94 -14.32 2.56
N ALA A 86 4.83 -14.42 1.24
CA ALA A 86 4.44 -15.66 0.54
C ALA A 86 5.60 -16.64 0.56
N PHE A 87 6.78 -16.13 0.20
CA PHE A 87 8.03 -16.88 0.28
C PHE A 87 8.26 -17.36 1.72
N GLU A 88 8.12 -16.41 2.65
CA GLU A 88 8.28 -16.60 4.10
C GLU A 88 7.43 -17.73 4.65
N LYS A 89 6.38 -18.11 3.92
CA LYS A 89 5.49 -19.19 4.33
C LYS A 89 5.89 -20.53 3.72
N TRP A 90 6.22 -20.50 2.43
CA TRP A 90 6.64 -21.69 1.70
C TRP A 90 7.95 -22.25 2.22
N VAL A 91 8.88 -21.36 2.57
CA VAL A 91 10.18 -21.69 3.15
C VAL A 91 10.05 -22.43 4.51
N LYS A 92 9.00 -22.11 5.26
CA LYS A 92 8.71 -22.74 6.56
C LYS A 92 7.83 -24.00 6.46
N SER A 93 7.79 -24.64 5.29
CA SER A 93 6.94 -25.82 5.07
C SER A 93 7.72 -27.14 4.85
N ASP A 94 6.98 -28.25 4.84
CA ASP A 94 7.52 -29.61 4.64
C ASP A 94 8.13 -29.81 3.26
N GLU A 95 7.40 -29.35 2.24
CA GLU A 95 7.76 -29.53 0.82
C GLU A 95 9.12 -28.93 0.43
N TYR A 96 9.57 -27.90 1.16
CA TYR A 96 10.76 -27.11 0.79
C TYR A 96 12.10 -27.87 0.96
N HIS A 97 12.60 -28.40 -0.16
CA HIS A 97 13.87 -29.14 -0.17
C HIS A 97 14.96 -28.38 -0.94
N GLY A 98 15.62 -27.46 -0.24
CA GLY A 98 16.72 -26.64 -0.78
C GLY A 98 17.59 -26.11 0.36
N PRO A 99 18.27 -24.97 0.15
CA PRO A 99 19.08 -24.39 1.24
C PRO A 99 18.26 -23.62 2.28
N ASP A 100 18.73 -23.63 3.53
CA ASP A 100 18.08 -22.96 4.66
C ASP A 100 17.99 -21.44 4.52
N MET A 101 16.78 -20.92 4.71
CA MET A 101 16.50 -19.48 4.49
C MET A 101 15.98 -18.80 5.76
N THR A 102 16.45 -19.23 6.93
CA THR A 102 16.05 -18.59 8.18
C THR A 102 16.73 -17.23 8.30
N ASP A 103 15.94 -16.21 8.64
CA ASP A 103 16.38 -14.80 8.62
C ASP A 103 17.03 -14.43 7.29
N PHE A 104 16.33 -14.74 6.19
CA PHE A 104 16.85 -14.51 4.84
C PHE A 104 17.02 -13.04 4.49
N GLY A 105 16.20 -12.19 5.11
CA GLY A 105 16.30 -10.75 4.95
C GLY A 105 17.59 -10.18 5.50
N HIS A 106 17.93 -10.57 6.73
CA HIS A 106 19.14 -10.11 7.41
C HIS A 106 20.41 -10.45 6.62
N ARG A 107 20.49 -11.69 6.12
CA ARG A 107 21.69 -12.22 5.49
C ARG A 107 21.86 -11.79 4.02
N SER A 108 20.83 -11.18 3.44
CA SER A 108 20.83 -10.77 2.04
C SER A 108 21.74 -9.58 1.71
N GLN A 109 21.79 -8.60 2.63
CA GLN A 109 22.62 -7.41 2.46
C GLN A 109 24.06 -7.68 2.89
N LYS A 110 24.20 -8.42 3.98
CA LYS A 110 25.50 -8.69 4.59
C LYS A 110 26.40 -9.62 3.75
N ASP A 111 25.87 -10.76 3.34
CA ASP A 111 26.63 -11.73 2.53
C ASP A 111 26.17 -11.71 1.06
N PRO A 112 27.01 -11.15 0.15
CA PRO A 112 26.70 -11.11 -1.29
C PRO A 112 26.66 -12.50 -1.95
N GLU A 113 27.04 -13.52 -1.19
CA GLU A 113 27.05 -14.91 -1.64
C GLU A 113 25.68 -15.58 -1.45
N PHE A 114 25.10 -15.38 -0.26
CA PHE A 114 23.78 -15.89 0.07
C PHE A 114 22.68 -15.15 -0.70
N ALA A 115 22.92 -13.89 -1.03
CA ALA A 115 21.96 -13.06 -1.78
C ALA A 115 21.56 -13.66 -3.12
N ALA A 116 22.56 -14.11 -3.89
CA ALA A 116 22.34 -14.71 -5.22
C ALA A 116 21.70 -16.11 -5.14
N VAL A 117 21.83 -16.75 -3.98
CA VAL A 117 21.20 -18.04 -3.68
C VAL A 117 19.68 -17.85 -3.51
N TYR A 118 19.32 -16.93 -2.62
CA TYR A 118 17.93 -16.52 -2.35
C TYR A 118 17.27 -15.91 -3.59
N HIS A 119 18.02 -15.10 -4.35
CA HIS A 119 17.58 -14.57 -5.64
C HIS A 119 17.06 -15.67 -6.56
N GLU A 120 17.65 -16.87 -6.42
CA GLU A 120 17.30 -18.01 -7.25
C GLU A 120 16.19 -18.89 -6.69
N GLU A 121 16.16 -19.07 -5.36
CA GLU A 121 15.05 -19.79 -4.72
C GLU A 121 13.73 -19.00 -4.81
N MET A 122 13.83 -17.67 -4.76
CA MET A 122 12.69 -16.77 -4.96
C MET A 122 12.26 -16.71 -6.43
N ALA A 123 13.20 -16.98 -7.34
CA ALA A 123 12.87 -17.13 -8.76
C ALA A 123 12.15 -18.44 -9.02
N LYS A 124 12.54 -19.47 -8.27
CA LYS A 124 11.92 -20.78 -8.33
C LYS A 124 10.48 -20.73 -7.84
N PHE A 125 10.27 -20.07 -6.70
CA PHE A 125 8.96 -19.89 -6.08
C PHE A 125 7.98 -19.19 -7.00
N ASP A 126 8.42 -18.06 -7.56
CA ASP A 126 7.59 -17.20 -8.44
C ASP A 126 7.03 -17.93 -9.66
N ASP A 127 7.92 -18.55 -10.43
CA ASP A 127 7.55 -19.24 -11.65
C ASP A 127 6.54 -20.38 -11.41
N ARG A 128 6.78 -21.11 -10.32
CA ARG A 128 5.95 -22.20 -9.84
C ARG A 128 4.56 -21.71 -9.39
N VAL A 129 4.54 -20.59 -8.67
CA VAL A 129 3.26 -19.94 -8.33
C VAL A 129 2.48 -19.55 -9.60
N LEU A 130 3.21 -19.04 -10.59
CA LEU A 130 2.62 -18.67 -11.88
C LEU A 130 2.03 -19.84 -12.68
N HIS A 131 2.59 -21.03 -12.54
CA HIS A 131 2.19 -22.10 -13.48
C HIS A 131 1.57 -23.29 -12.82
N ASP A 132 1.81 -23.45 -11.53
CA ASP A 132 1.30 -24.62 -10.83
C ASP A 132 0.11 -24.21 -9.95
N ASP A 133 -1.08 -24.59 -10.41
CA ASP A 133 -2.34 -24.19 -9.81
C ASP A 133 -2.45 -24.66 -8.37
N ALA A 134 -2.17 -25.93 -8.14
CA ALA A 134 -2.19 -26.49 -6.80
C ALA A 134 -1.18 -25.78 -5.90
N PHE A 135 -0.03 -25.38 -6.46
CA PHE A 135 1.02 -24.73 -5.68
C PHE A 135 0.59 -23.29 -5.36
N ALA A 136 0.06 -22.62 -6.37
CA ALA A 136 -0.47 -21.28 -6.21
C ALA A 136 -1.45 -21.26 -5.05
N ALA A 137 -2.36 -22.23 -5.05
CA ALA A 137 -3.37 -22.40 -4.00
C ALA A 137 -2.78 -22.50 -2.59
N LYS A 138 -1.79 -23.37 -2.44
CA LYS A 138 -1.18 -23.61 -1.14
C LYS A 138 -0.29 -22.43 -0.67
N TYR A 139 0.56 -21.92 -1.55
CA TYR A 139 1.60 -20.95 -1.12
C TYR A 139 1.42 -19.52 -1.63
N GLY A 140 0.73 -19.37 -2.75
CA GLY A 140 0.54 -18.05 -3.36
C GLY A 140 -0.47 -17.19 -2.61
N ASP A 141 -1.38 -17.85 -1.89
CA ASP A 141 -2.47 -17.19 -1.18
C ASP A 141 -2.04 -16.69 0.21
N LEU A 142 -2.07 -15.38 0.43
CA LEU A 142 -1.68 -14.83 1.74
C LEU A 142 -2.79 -14.83 2.77
N GLY A 143 -4.01 -15.15 2.37
CA GLY A 143 -5.09 -15.31 3.34
C GLY A 143 -5.60 -13.95 3.81
N LEU A 144 -5.05 -13.43 4.90
CA LEU A 144 -5.61 -12.21 5.55
C LEU A 144 -4.88 -10.91 5.14
N VAL A 145 -5.07 -10.51 3.89
CA VAL A 145 -4.44 -9.28 3.38
C VAL A 145 -5.57 -8.37 2.91
N TYR A 146 -5.26 -7.15 2.48
CA TYR A 146 -6.28 -6.15 2.27
C TYR A 146 -7.49 -6.58 1.41
N GLY A 147 -7.26 -7.36 0.35
CA GLY A 147 -8.35 -7.81 -0.48
C GLY A 147 -9.39 -8.59 0.33
N SER A 148 -8.97 -9.47 1.25
CA SER A 148 -9.92 -10.19 2.07
C SER A 148 -10.61 -9.27 3.09
N GLN A 149 -9.85 -8.34 3.70
CA GLN A 149 -10.43 -7.50 4.75
C GLN A 149 -11.41 -6.51 4.17
N TRP A 150 -11.09 -5.94 3.01
CA TRP A 150 -11.98 -5.01 2.32
C TRP A 150 -13.19 -5.67 1.66
N ARG A 151 -13.01 -6.87 1.08
CA ARG A 151 -14.10 -7.42 0.24
C ARG A 151 -14.73 -8.78 0.63
N ALA A 152 -14.16 -9.45 1.60
CA ALA A 152 -14.54 -10.79 2.01
C ALA A 152 -14.29 -10.94 3.54
N TRP A 153 -14.71 -9.96 4.34
CA TRP A 153 -14.53 -10.07 5.79
C TRP A 153 -15.28 -11.31 6.39
N HIS A 154 -14.55 -12.21 7.03
CA HIS A 154 -15.14 -13.45 7.59
C HIS A 154 -15.97 -13.15 8.84
N THR A 155 -17.23 -13.59 8.84
CA THR A 155 -18.11 -13.35 9.97
C THR A 155 -18.23 -14.58 10.88
N SER A 156 -18.45 -14.29 12.15
CA SER A 156 -18.61 -15.33 13.18
C SER A 156 -19.44 -16.53 12.70
N LYS A 157 -20.35 -16.27 11.78
CA LYS A 157 -21.38 -17.22 11.39
C LYS A 157 -20.99 -17.97 10.13
N GLY A 158 -19.68 -18.02 9.86
CA GLY A 158 -19.17 -18.70 8.67
C GLY A 158 -19.27 -17.93 7.36
N ASP A 159 -19.89 -16.74 7.37
CA ASP A 159 -20.12 -16.00 6.14
C ASP A 159 -19.01 -14.98 5.82
N THR A 160 -19.26 -14.16 4.81
CA THR A 160 -18.25 -13.27 4.34
C THR A 160 -18.97 -12.01 3.85
N ILE A 161 -18.33 -10.83 4.05
CA ILE A 161 -18.98 -9.53 3.82
C ILE A 161 -18.09 -8.62 2.98
N ASP A 162 -18.67 -8.07 1.93
CA ASP A 162 -17.97 -7.12 1.07
C ASP A 162 -18.09 -5.67 1.62
N GLN A 163 -17.26 -5.28 2.61
CA GLN A 163 -17.46 -3.93 3.24
C GLN A 163 -17.32 -2.85 2.23
N LEU A 164 -16.28 -2.89 1.41
CA LEU A 164 -16.09 -1.76 0.49
C LEU A 164 -17.21 -1.72 -0.54
N GLY A 165 -17.57 -2.89 -1.04
CA GLY A 165 -18.71 -2.94 -1.99
C GLY A 165 -19.97 -2.35 -1.34
N ASP A 166 -20.22 -2.69 -0.08
CA ASP A 166 -21.42 -2.16 0.56
C ASP A 166 -21.30 -0.64 0.73
N VAL A 167 -20.10 -0.18 1.04
CA VAL A 167 -19.87 1.24 1.27
C VAL A 167 -20.06 2.07 0.03
N ILE A 168 -19.56 1.56 -1.09
CA ILE A 168 -19.78 2.22 -2.40
C ILE A 168 -21.25 2.37 -2.74
N GLU A 169 -22.04 1.31 -2.55
CA GLU A 169 -23.49 1.44 -2.67
C GLU A 169 -24.04 2.53 -1.76
N GLN A 170 -23.52 2.60 -0.53
CA GLN A 170 -23.98 3.62 0.42
C GLN A 170 -23.62 5.04 -0.01
N ILE A 171 -22.42 5.23 -0.57
CA ILE A 171 -22.01 6.53 -1.14
C ILE A 171 -23.00 7.04 -2.21
N LYS A 172 -23.51 6.11 -3.01
CA LYS A 172 -24.40 6.45 -4.13
C LYS A 172 -25.82 6.78 -3.66
N THR A 173 -26.30 6.11 -2.61
CA THR A 173 -27.67 6.31 -2.13
C THR A 173 -27.78 7.17 -0.87
N HIS A 174 -26.74 7.17 -0.05
CA HIS A 174 -26.69 7.96 1.17
C HIS A 174 -25.36 8.74 1.30
N PRO A 175 -25.06 9.62 0.33
CA PRO A 175 -23.73 10.30 0.34
C PRO A 175 -23.36 11.00 1.65
N TYR A 176 -24.36 11.40 2.45
CA TYR A 176 -24.10 12.19 3.67
C TYR A 176 -24.06 11.33 4.92
N SER A 177 -24.08 10.02 4.70
CA SER A 177 -23.85 9.09 5.78
C SER A 177 -22.53 9.39 6.50
N ARG A 178 -22.56 9.25 7.82
CA ARG A 178 -21.34 9.40 8.64
C ARG A 178 -20.72 8.03 8.97
N ARG A 179 -21.09 7.02 8.19
CA ARG A 179 -20.72 5.63 8.48
C ARG A 179 -20.08 4.98 7.26
N LEU A 180 -19.47 5.78 6.37
CA LEU A 180 -18.86 5.23 5.14
C LEU A 180 -17.46 4.73 5.48
N ILE A 181 -17.40 3.61 6.17
CA ILE A 181 -16.18 3.21 6.88
C ILE A 181 -15.80 1.87 6.37
N VAL A 182 -14.51 1.69 6.07
CA VAL A 182 -13.98 0.35 5.77
C VAL A 182 -12.88 0.10 6.77
N SER A 183 -12.98 -0.97 7.56
CA SER A 183 -11.89 -1.27 8.48
C SER A 183 -11.12 -2.47 8.00
N ALA A 184 -9.82 -2.48 8.23
CA ALA A 184 -8.96 -3.68 8.03
C ALA A 184 -8.49 -4.34 9.33
N TRP A 185 -9.01 -3.88 10.46
CA TRP A 185 -8.49 -4.31 11.76
C TRP A 185 -9.47 -5.25 12.44
N ASN A 186 -9.12 -6.54 12.48
CA ASN A 186 -9.97 -7.59 13.10
C ASN A 186 -9.31 -8.13 14.36
N PRO A 187 -9.88 -7.75 15.52
CA PRO A 187 -9.39 -8.13 16.83
C PRO A 187 -9.22 -9.65 16.99
N GLU A 188 -10.06 -10.45 16.34
CA GLU A 188 -9.88 -11.92 16.36
C GLU A 188 -8.58 -12.40 15.64
N ASP A 189 -8.16 -11.70 14.58
CA ASP A 189 -7.02 -12.15 13.75
C ASP A 189 -5.67 -11.64 14.21
N VAL A 190 -5.71 -10.40 14.67
CA VAL A 190 -4.57 -9.56 14.99
C VAL A 190 -3.56 -10.12 16.01
N PRO A 191 -4.03 -10.97 16.95
CA PRO A 191 -3.03 -11.58 17.85
C PRO A 191 -2.12 -12.59 17.17
N THR A 192 -2.55 -13.23 16.08
CA THR A 192 -1.77 -14.32 15.43
C THR A 192 -1.30 -14.04 13.99
N MET A 193 -2.07 -13.24 13.26
CA MET A 193 -1.80 -12.98 11.85
C MET A 193 -0.40 -12.47 11.56
N ALA A 194 0.00 -12.66 10.31
CA ALA A 194 1.30 -12.24 9.78
C ALA A 194 1.61 -10.72 9.97
N LEU A 195 0.81 -9.84 9.39
CA LEU A 195 0.94 -8.43 9.74
C LEU A 195 -0.41 -7.80 9.97
N PRO A 196 -0.67 -7.45 11.24
CA PRO A 196 -1.83 -6.67 11.63
C PRO A 196 -1.84 -5.43 10.73
N PRO A 197 -2.96 -5.17 10.07
CA PRO A 197 -2.83 -4.18 8.98
C PRO A 197 -2.37 -2.78 9.44
N CYS A 198 -1.37 -2.24 8.73
CA CYS A 198 -0.88 -0.85 8.90
C CYS A 198 -1.91 0.21 8.46
N HIS A 199 -2.71 -0.10 7.44
CA HIS A 199 -3.74 0.85 6.98
C HIS A 199 -5.00 0.41 7.62
N THR A 200 -5.20 0.93 8.80
CA THR A 200 -6.09 0.33 9.75
C THR A 200 -7.54 0.51 9.35
N LEU A 201 -7.84 1.72 8.87
CA LEU A 201 -9.23 2.10 8.68
C LEU A 201 -9.34 3.26 7.72
N TYR A 202 -10.39 3.28 6.89
CA TYR A 202 -10.61 4.51 6.14
C TYR A 202 -12.05 5.01 6.12
N GLN A 203 -12.26 6.30 5.92
CA GLN A 203 -13.61 6.80 5.92
C GLN A 203 -13.83 7.76 4.77
N PHE A 204 -14.97 7.65 4.11
CA PHE A 204 -15.36 8.62 3.05
C PHE A 204 -16.25 9.74 3.59
N TYR A 205 -16.30 10.84 2.84
CA TYR A 205 -17.16 12.02 3.14
C TYR A 205 -17.40 12.78 1.85
N VAL A 206 -18.61 13.31 1.67
CA VAL A 206 -19.01 13.99 0.44
C VAL A 206 -19.55 15.34 0.81
N ASN A 207 -19.09 16.37 0.10
CA ASN A 207 -19.70 17.68 0.17
C ASN A 207 -19.57 18.32 -1.19
N ASP A 208 -20.64 19.01 -1.60
CA ASP A 208 -20.62 19.79 -2.83
C ASP A 208 -20.29 18.94 -4.06
N GLY A 209 -20.71 17.68 -4.04
CA GLY A 209 -20.44 16.74 -5.15
C GLY A 209 -18.99 16.26 -5.23
N LYS A 210 -18.23 16.43 -4.15
CA LYS A 210 -16.83 16.01 -4.10
C LYS A 210 -16.60 14.93 -3.03
N LEU A 211 -15.79 13.95 -3.35
CA LEU A 211 -15.52 12.81 -2.45
C LEU A 211 -14.19 12.94 -1.75
N SER A 212 -14.22 12.88 -0.42
CA SER A 212 -12.98 12.86 0.35
C SER A 212 -12.83 11.55 1.02
N LEU A 213 -11.58 11.22 1.33
CA LEU A 213 -11.30 10.04 2.09
C LEU A 213 -10.29 10.39 3.16
N GLN A 214 -10.50 9.80 4.35
CA GLN A 214 -9.51 9.83 5.41
C GLN A 214 -9.05 8.43 5.72
N LEU A 215 -7.73 8.26 5.67
CA LEU A 215 -7.07 7.03 6.10
C LEU A 215 -6.46 7.18 7.49
N TYR A 216 -6.71 6.22 8.36
CA TYR A 216 -6.02 6.17 9.67
C TYR A 216 -4.96 5.07 9.58
N GLN A 217 -3.68 5.45 9.62
CA GLN A 217 -2.63 4.42 9.42
C GLN A 217 -1.84 4.29 10.70
N ARG A 218 -1.93 3.16 11.40
CA ARG A 218 -1.35 3.04 12.77
C ARG A 218 0.18 3.14 12.83
N SER A 219 0.83 2.92 11.69
CA SER A 219 2.31 2.75 11.64
C SER A 219 2.81 2.98 10.21
N ALA A 220 3.86 3.77 10.04
CA ALA A 220 4.24 4.19 8.67
C ALA A 220 5.75 4.34 8.61
N ASP A 221 6.32 3.81 7.53
CA ASP A 221 7.76 3.90 7.23
C ASP A 221 7.77 5.08 6.32
N ILE A 222 8.17 6.22 6.86
CA ILE A 222 8.06 7.47 6.10
C ILE A 222 8.82 7.40 4.76
N PHE A 223 10.02 6.87 4.79
CA PHE A 223 10.87 6.90 3.60
C PHE A 223 10.36 5.96 2.49
N LEU A 224 10.27 4.68 2.81
CA LEU A 224 9.89 3.67 1.82
C LEU A 224 8.38 3.50 1.65
N GLY A 225 7.64 3.42 2.76
CA GLY A 225 6.18 3.06 2.67
C GLY A 225 5.27 4.21 2.30
N VAL A 226 5.45 5.37 2.95
CA VAL A 226 4.42 6.45 2.86
C VAL A 226 4.17 6.96 1.42
N PRO A 227 5.25 7.10 0.60
CA PRO A 227 5.01 7.53 -0.78
C PRO A 227 4.15 6.59 -1.58
N PHE A 228 4.28 5.29 -1.39
CA PHE A 228 3.34 4.35 -1.99
C PHE A 228 1.93 4.51 -1.43
N ASN A 229 1.86 4.59 -0.10
CA ASN A 229 0.57 4.70 0.61
C ASN A 229 -0.24 5.91 0.18
N ILE A 230 0.40 7.08 0.11
CA ILE A 230 -0.28 8.26 -0.35
C ILE A 230 -0.88 8.04 -1.72
N ALA A 231 -0.05 7.53 -2.64
CA ALA A 231 -0.55 7.26 -4.00
C ALA A 231 -1.69 6.23 -4.06
N SER A 232 -1.63 5.10 -3.34
CA SER A 232 -2.70 4.09 -3.45
C SER A 232 -4.06 4.65 -3.03
N TYR A 233 -4.06 5.40 -1.93
CA TYR A 233 -5.28 5.87 -1.30
C TYR A 233 -5.89 7.05 -2.07
N ALA A 234 -5.03 7.88 -2.63
CA ALA A 234 -5.46 8.91 -3.58
C ALA A 234 -6.03 8.26 -4.82
N LEU A 235 -5.35 7.23 -5.32
CA LEU A 235 -5.87 6.49 -6.49
C LEU A 235 -7.25 5.94 -6.15
N LEU A 236 -7.32 5.19 -5.04
CA LEU A 236 -8.60 4.65 -4.52
C LEU A 236 -9.69 5.72 -4.42
N THR A 237 -9.32 6.91 -3.95
CA THR A 237 -10.32 8.02 -3.85
C THR A 237 -10.85 8.41 -5.23
N HIS A 238 -9.95 8.62 -6.20
CA HIS A 238 -10.35 8.89 -7.59
C HIS A 238 -11.25 7.76 -8.17
N LEU A 239 -10.91 6.51 -7.89
CA LEU A 239 -11.63 5.36 -8.44
C LEU A 239 -13.06 5.24 -7.90
N VAL A 240 -13.18 5.40 -6.58
CA VAL A 240 -14.48 5.45 -5.94
C VAL A 240 -15.34 6.61 -6.44
N ALA A 241 -14.79 7.83 -6.47
CA ALA A 241 -15.48 9.00 -7.03
C ALA A 241 -15.93 8.73 -8.46
N HIS A 242 -15.02 8.24 -9.29
CA HIS A 242 -15.36 7.90 -10.70
C HIS A 242 -16.55 6.97 -10.72
N GLU A 243 -16.58 5.98 -9.85
CA GLU A 243 -17.66 5.02 -9.90
C GLU A 243 -18.98 5.64 -9.44
N CYS A 244 -18.91 6.53 -8.46
CA CYS A 244 -20.09 7.17 -7.92
C CYS A 244 -20.46 8.43 -8.69
N GLY A 245 -19.71 8.76 -9.74
CA GLY A 245 -20.06 9.96 -10.50
C GLY A 245 -19.78 11.27 -9.78
N LEU A 246 -18.83 11.25 -8.86
CA LEU A 246 -18.49 12.49 -8.15
C LEU A 246 -17.14 13.04 -8.56
N GLU A 247 -16.93 14.29 -8.20
CA GLU A 247 -15.63 14.93 -8.28
C GLU A 247 -14.79 14.57 -7.06
N VAL A 248 -13.49 14.81 -7.18
CA VAL A 248 -12.54 14.50 -6.12
C VAL A 248 -12.35 15.63 -5.11
N GLY A 249 -12.30 15.27 -3.82
CA GLY A 249 -12.10 16.27 -2.77
C GLY A 249 -10.70 16.15 -2.19
N GLU A 250 -10.60 15.94 -0.87
CA GLU A 250 -9.32 15.78 -0.14
C GLU A 250 -8.93 14.36 0.15
N PHE A 251 -7.64 14.07 0.14
CA PHE A 251 -7.18 12.88 0.81
C PHE A 251 -6.44 13.36 2.05
N ILE A 252 -6.87 12.81 3.18
CA ILE A 252 -6.39 13.19 4.50
C ILE A 252 -5.75 11.92 5.07
N HIS A 253 -4.44 11.98 5.32
CA HIS A 253 -3.68 10.82 5.70
C HIS A 253 -3.35 11.01 7.18
N THR A 254 -4.00 10.29 8.07
CA THR A 254 -3.71 10.46 9.50
C THR A 254 -2.93 9.31 10.05
N PHE A 255 -1.89 9.61 10.84
CA PHE A 255 -1.00 8.57 11.34
C PHE A 255 -1.18 8.36 12.83
N GLY A 256 -0.95 7.12 13.25
CA GLY A 256 -0.53 6.82 14.62
C GLY A 256 0.96 7.12 14.64
N ASP A 257 1.77 6.08 14.69
CA ASP A 257 3.23 6.26 14.64
C ASP A 257 3.69 6.43 13.16
N ALA A 258 4.57 7.37 12.91
CA ALA A 258 5.16 7.52 11.58
C ALA A 258 6.66 7.61 11.87
N HIS A 259 7.46 6.82 11.20
CA HIS A 259 8.88 6.71 11.58
C HIS A 259 9.88 6.62 10.44
N LEU A 260 11.10 7.01 10.78
CA LEU A 260 12.32 6.87 10.00
C LEU A 260 13.27 5.94 10.76
N TYR A 261 13.84 4.99 10.04
CA TYR A 261 14.91 4.15 10.56
C TYR A 261 16.23 4.88 10.59
N VAL A 262 16.93 4.66 11.69
CA VAL A 262 18.17 5.31 12.02
C VAL A 262 19.22 5.20 10.88
N ASN A 263 19.10 4.17 10.04
CA ASN A 263 19.89 3.96 8.80
C ASN A 263 19.35 4.55 7.48
N HIS A 264 18.20 5.23 7.51
CA HIS A 264 17.66 5.80 6.29
C HIS A 264 17.80 7.32 6.25
N LEU A 265 18.50 7.86 7.23
CA LEU A 265 18.55 9.30 7.38
C LEU A 265 19.19 10.08 6.23
N ASP A 266 20.27 9.59 5.63
CA ASP A 266 20.97 10.38 4.59
C ASP A 266 20.12 10.52 3.35
N GLN A 267 19.39 9.44 3.07
CA GLN A 267 18.52 9.35 1.91
C GLN A 267 17.45 10.43 1.94
N ILE A 268 16.77 10.51 3.09
CA ILE A 268 15.66 11.45 3.23
C ILE A 268 16.22 12.87 3.27
N LYS A 269 17.40 13.03 3.87
CA LYS A 269 18.06 14.33 3.91
C LYS A 269 18.38 14.79 2.49
N GLU A 270 18.92 13.90 1.66
CA GLU A 270 19.20 14.27 0.27
C GLU A 270 17.91 14.61 -0.48
N GLN A 271 16.83 13.85 -0.22
CA GLN A 271 15.55 14.12 -0.89
C GLN A 271 14.99 15.51 -0.55
N LEU A 272 15.28 15.98 0.66
CA LEU A 272 14.79 17.30 1.11
C LEU A 272 15.45 18.50 0.43
N SER A 273 16.57 18.28 -0.26
CA SER A 273 17.20 19.35 -1.06
C SER A 273 16.52 19.48 -2.41
N ARG A 274 15.55 18.62 -2.70
CA ARG A 274 14.93 18.61 -4.03
C ARG A 274 13.65 19.43 -4.03
N THR A 275 13.37 20.04 -5.16
CA THR A 275 12.27 21.01 -5.26
C THR A 275 11.08 20.46 -6.02
N PRO A 276 9.90 20.31 -5.36
CA PRO A 276 8.72 19.72 -6.03
C PRO A 276 8.45 20.37 -7.38
N ARG A 277 8.03 19.55 -8.36
CA ARG A 277 7.67 20.05 -9.68
C ARG A 277 6.15 19.94 -9.79
N PRO A 278 5.54 20.54 -10.82
CA PRO A 278 4.09 20.40 -11.01
C PRO A 278 3.66 18.93 -10.92
N ALA A 279 2.49 18.66 -10.33
CA ALA A 279 2.06 17.27 -10.12
C ALA A 279 1.49 16.66 -11.40
N PRO A 280 1.51 15.33 -11.52
CA PRO A 280 0.89 14.69 -12.64
C PRO A 280 -0.63 14.66 -12.48
N THR A 281 -1.29 14.23 -13.54
CA THR A 281 -2.73 14.25 -13.61
C THR A 281 -3.10 12.80 -13.92
N LEU A 282 -4.20 12.34 -13.35
CA LEU A 282 -4.66 11.00 -13.57
C LEU A 282 -5.82 11.01 -14.56
N GLN A 283 -5.90 10.03 -15.43
CA GLN A 283 -7.04 9.90 -16.32
C GLN A 283 -7.64 8.53 -16.20
N LEU A 284 -8.97 8.47 -16.10
CA LEU A 284 -9.67 7.19 -15.98
C LEU A 284 -10.62 6.90 -17.14
N ASN A 285 -10.75 5.61 -17.47
CA ASN A 285 -11.65 5.15 -18.52
C ASN A 285 -13.10 5.67 -18.36
N PRO A 286 -13.52 6.60 -19.25
CA PRO A 286 -14.87 7.15 -19.20
C PRO A 286 -15.98 6.13 -19.48
N ASP A 287 -15.62 4.90 -19.86
CA ASP A 287 -16.60 3.88 -20.23
C ASP A 287 -16.78 2.78 -19.20
N LYS A 288 -15.89 2.76 -18.20
CA LYS A 288 -15.98 1.80 -17.11
C LYS A 288 -16.26 2.48 -15.75
N HIS A 289 -17.23 1.95 -15.03
CA HIS A 289 -17.60 2.52 -13.75
C HIS A 289 -17.60 1.51 -12.59
N ASP A 290 -17.48 0.22 -12.91
CA ASP A 290 -17.32 -0.78 -11.85
C ASP A 290 -15.85 -1.07 -11.56
N ILE A 291 -15.33 -0.46 -10.49
CA ILE A 291 -13.89 -0.50 -10.23
C ILE A 291 -13.44 -1.87 -9.80
N PHE A 292 -14.39 -2.71 -9.38
CA PHE A 292 -14.04 -4.06 -9.02
C PHE A 292 -13.68 -4.83 -10.29
N ASP A 293 -13.94 -4.23 -11.45
CA ASP A 293 -13.66 -4.82 -12.76
C ASP A 293 -12.65 -3.96 -13.57
N PHE A 294 -11.94 -3.05 -12.91
CA PHE A 294 -10.95 -2.23 -13.63
C PHE A 294 -9.68 -2.99 -13.95
N ASP A 295 -9.05 -2.63 -15.07
CA ASP A 295 -7.74 -3.20 -15.51
C ASP A 295 -6.69 -2.10 -15.58
N MET A 296 -5.43 -2.50 -15.68
CA MET A 296 -4.29 -1.56 -15.66
C MET A 296 -4.49 -0.44 -16.65
N LYS A 297 -5.05 -0.80 -17.80
CA LYS A 297 -5.16 0.11 -18.94
C LYS A 297 -6.32 1.10 -18.78
N ASP A 298 -7.18 0.86 -17.80
CA ASP A 298 -8.25 1.80 -17.42
C ASP A 298 -7.79 3.02 -16.61
N ILE A 299 -6.50 3.08 -16.31
CA ILE A 299 -5.88 4.11 -15.44
C ILE A 299 -4.60 4.63 -16.08
N LYS A 300 -4.57 5.91 -16.38
CA LYS A 300 -3.42 6.54 -17.01
C LYS A 300 -2.93 7.70 -16.16
N LEU A 301 -1.60 7.79 -16.00
CA LEU A 301 -0.97 8.87 -15.29
C LEU A 301 -0.26 9.80 -16.29
N LEU A 302 -0.66 11.07 -16.37
CA LEU A 302 -0.10 12.04 -17.32
C LEU A 302 0.93 13.00 -16.71
N ASN A 303 2.01 13.24 -17.45
CA ASN A 303 2.93 14.35 -17.17
C ASN A 303 3.65 14.16 -15.82
N TYR A 304 4.02 12.92 -15.51
CA TYR A 304 4.77 12.63 -14.31
C TYR A 304 6.23 12.96 -14.58
N ASP A 305 6.80 13.87 -13.81
CA ASP A 305 8.15 14.38 -14.09
C ASP A 305 9.05 14.28 -12.88
N PRO A 306 9.44 13.04 -12.48
CA PRO A 306 10.09 12.90 -11.20
C PRO A 306 11.59 13.05 -11.21
N TYR A 307 12.15 13.39 -10.04
CA TYR A 307 13.57 13.33 -9.76
C TYR A 307 13.92 11.82 -9.70
N PRO A 308 15.22 11.46 -9.76
CA PRO A 308 15.57 10.05 -9.78
C PRO A 308 15.06 9.29 -8.57
N ALA A 309 14.84 7.99 -8.76
CA ALA A 309 14.56 7.08 -7.67
C ALA A 309 15.71 7.21 -6.73
N ILE A 310 15.49 6.90 -5.46
CA ILE A 310 16.56 6.80 -4.51
C ILE A 310 16.64 5.34 -4.06
N LYS A 311 17.71 4.65 -4.46
CA LYS A 311 18.03 3.29 -4.01
C LYS A 311 18.88 3.41 -2.73
N ALA A 312 18.31 2.95 -1.62
CA ALA A 312 18.84 3.27 -0.30
C ALA A 312 18.74 2.11 0.70
C1 7C1 B . 5.20 -1.09 0.23
C2 7C1 B . 4.43 -1.20 -0.91
C3 7C1 B . 3.50 -2.25 -1.07
C4 7C1 B . 3.27 -3.25 -0.12
C5 7C1 B . 4.01 -3.22 1.05
C6 7C1 B . 5.01 -2.13 1.27
C7 7C1 B . 5.55 -2.47 2.63
C8 7C1 B . 4.06 -4.08 2.27
N9 7C1 B . 4.98 -3.59 3.14
N20 7C1 B . 5.83 -6.97 8.62
O10 7C1 B . 6.46 -1.78 3.21
C21 7C1 B . 6.19 0.03 0.36
O11 7C1 B . 3.35 -5.12 2.47
C12 7C1 B . 5.28 -4.11 4.35
C13 7C1 B . 6.60 -4.25 4.82
C14 7C1 B . 6.93 -4.77 6.07
C15 7C1 B . 5.91 -5.19 6.93
C16 7C1 B . 4.59 -5.07 6.52
C17 7C1 B . 4.29 -4.54 5.26
C18 7C1 B . 6.26 -5.76 8.28
N19 7C1 B . 6.98 -5.11 9.09
N1 UMP C . 4.63 0.04 6.39
C2 UMP C . 4.35 1.25 5.72
N3 UMP C . 3.32 1.31 4.82
C4 UMP C . 2.55 0.18 4.56
C5 UMP C . 2.82 -1.02 5.20
C6 UMP C . 3.86 -1.07 6.12
O2 UMP C . 4.96 2.30 5.88
O4 UMP C . 1.65 0.23 3.75
C1' UMP C . 5.70 -0.20 7.40
C2' UMP C . 5.55 0.60 8.68
C3' UMP C . 6.25 -0.27 9.70
C4' UMP C . 6.10 -1.68 9.20
O3' UMP C . 7.63 0.04 9.73
O4' UMP C . 5.73 -1.56 7.82
C5' UMP C . 5.08 -2.48 10.04
O5' UMP C . 5.61 -2.88 11.29
P UMP C . 4.74 -2.85 12.64
OP1 UMP C . 5.53 -3.28 13.83
OP2 UMP C . 3.58 -3.77 12.43
OP3 UMP C . 4.29 -1.46 12.84
#